data_2PO0
#
_entry.id   2PO0
#
_cell.length_a   94.200
_cell.length_b   94.200
_cell.length_c   127.700
_cell.angle_alpha   90.00
_cell.angle_beta   90.00
_cell.angle_gamma   120.00
#
_symmetry.space_group_name_H-M   'P 3 2 1'
#
loop_
_entity.id
_entity.type
_entity.pdbx_description
1 polymer 'Probable exosome complex exonuclease 1'
2 polymer 'Probable exosome complex exonuclease 2'
3 non-polymer "ADENOSINE-5'-DIPHOSPHATE"
4 non-polymer (4S)-2-METHYL-2,4-PENTANEDIOL
5 water water
#
loop_
_entity_poly.entity_id
_entity_poly.type
_entity_poly.pdbx_seq_one_letter_code
_entity_poly.pdbx_strand_id
1 'polypeptide(L)'
;MMEKPEGLKLIDENGRRIDGRKKYELRPIKMEVGVLKNANGSAYIEWGKNKIIAAVYGPRELHPKHLQRPDRAILRVRYN
MAPFSVEERKKPGPDRRSIEISKVIKGALEPALILEMFPRTAIDVFIEVLQADAGTRVAGITAASLALADAGIPMRDLVA
ACAAGKIEGEIVLDLNKEEDNYGEADVPVAIMPLKNDITLLQMDGYLTKDEFIEAVKLAIKGAKAVYQKQREALKEKYLK
IAQEVEGSE
;
A
2 'polypeptide(L)'
;GSHMSDNEIVAGIMRDHIINLLKEGKRIDDRGFEDYRPIEIEVGVIEKAEGSALVKLGSTQVLVGIKTSLGEPFPDTPNM
GVMTTNVELVPLASPTFEPGPPDERAIELARVIDRGIRESKALNLEKMVIVPGKIVRVVFIDVHVLDHDGNLMDAIGIAA
IAALLNARVPKVRYNEETGEVETLDETEPLPVEKIPVPVTFAKIGNILVVDPSLDEELVMDGKITITTDETGHISAVQKS
EGGAFKLEEVMYAVETAFKKAEEIRKLILEAVEKAKQ
;
B
#
# COMPACT_ATOMS: atom_id res chain seq x y z
N LYS A 9 4.01 -33.10 1.65
CA LYS A 9 5.49 -32.95 1.75
C LYS A 9 6.17 -32.86 0.38
N LEU A 10 5.37 -32.60 -0.67
CA LEU A 10 5.75 -32.80 -2.11
C LEU A 10 5.85 -31.49 -2.94
N ILE A 11 7.08 -31.11 -3.34
CA ILE A 11 7.31 -29.82 -4.05
C ILE A 11 7.61 -29.94 -5.55
N ASP A 12 8.23 -31.06 -5.97
CA ASP A 12 8.27 -31.46 -7.40
C ASP A 12 7.35 -32.67 -7.53
N GLU A 13 6.19 -32.50 -8.18
CA GLU A 13 5.35 -33.66 -8.60
C GLU A 13 5.79 -34.11 -9.98
N ASN A 14 7.04 -34.61 -10.09
CA ASN A 14 7.47 -35.52 -11.16
C ASN A 14 7.47 -35.06 -12.67
N GLY A 15 8.34 -34.12 -13.09
CA GLY A 15 9.20 -33.29 -12.21
C GLY A 15 8.78 -31.83 -12.31
N ARG A 16 7.47 -31.61 -12.22
CA ARG A 16 6.83 -30.30 -12.24
C ARG A 16 6.59 -29.85 -10.81
N ARG A 17 6.30 -28.56 -10.63
CA ARG A 17 6.08 -28.02 -9.30
C ARG A 17 4.61 -27.87 -8.95
N ILE A 18 4.39 -27.46 -7.69
CA ILE A 18 3.05 -27.39 -7.06
C ILE A 18 2.09 -26.54 -7.89
N ASP A 19 2.62 -25.44 -8.42
CA ASP A 19 1.82 -24.51 -9.22
C ASP A 19 1.85 -24.86 -10.71
N GLY A 20 2.40 -26.04 -11.05
CA GLY A 20 2.52 -26.51 -12.43
C GLY A 20 3.82 -26.18 -13.17
N ARG A 21 4.68 -25.40 -12.56
CA ARG A 21 5.91 -24.87 -13.17
C ARG A 21 7.01 -25.90 -13.24
N LYS A 22 7.88 -25.70 -14.23
CA LYS A 22 9.04 -26.55 -14.45
C LYS A 22 10.20 -26.00 -13.61
N LYS A 23 11.25 -26.80 -13.48
CA LYS A 23 12.34 -26.47 -12.59
C LYS A 23 12.89 -25.06 -12.84
N TYR A 24 12.78 -24.53 -14.05
CA TYR A 24 13.47 -23.27 -14.36
C TYR A 24 12.51 -22.24 -14.93
N GLU A 25 11.24 -22.43 -14.61
CA GLU A 25 10.18 -21.53 -15.05
C GLU A 25 9.95 -20.39 -14.04
N LEU A 26 9.60 -19.21 -14.57
CA LEU A 26 9.19 -18.04 -13.81
C LEU A 26 7.70 -17.97 -13.43
N ARG A 27 7.36 -17.40 -12.26
CA ARG A 27 5.95 -17.08 -12.01
C ARG A 27 5.58 -15.94 -12.97
N PRO A 28 4.28 -15.74 -13.29
CA PRO A 28 3.94 -14.63 -14.20
C PRO A 28 4.43 -13.29 -13.65
N ILE A 29 4.91 -12.40 -14.51
CA ILE A 29 5.51 -11.15 -14.04
C ILE A 29 4.96 -10.03 -14.90
N LYS A 30 4.36 -9.04 -14.23
CA LYS A 30 3.87 -7.82 -14.89
C LYS A 30 4.47 -6.61 -14.18
N MET A 31 5.10 -5.72 -14.95
CA MET A 31 5.63 -4.48 -14.40
C MET A 31 5.19 -3.25 -15.14
N GLU A 32 4.98 -2.14 -14.42
CA GLU A 32 4.51 -0.88 -14.98
C GLU A 32 5.22 0.31 -14.35
N VAL A 33 5.58 1.30 -15.13
CA VAL A 33 6.35 2.44 -14.65
C VAL A 33 5.43 3.68 -14.55
N GLY A 34 5.77 4.63 -13.69
CA GLY A 34 5.02 5.88 -13.58
C GLY A 34 3.59 5.74 -13.06
N VAL A 35 3.44 5.04 -11.95
CA VAL A 35 2.12 4.83 -11.31
C VAL A 35 1.72 5.82 -10.16
N LEU A 36 2.63 6.70 -9.76
CA LEU A 36 2.29 7.67 -8.71
C LEU A 36 2.56 9.12 -9.11
N LYS A 37 1.57 9.97 -8.88
CA LYS A 37 1.69 11.40 -9.09
C LYS A 37 2.86 12.06 -8.38
N ASN A 38 3.06 11.75 -7.09
CA ASN A 38 4.00 12.45 -6.23
C ASN A 38 5.45 12.04 -6.26
N ALA A 39 5.72 10.76 -6.38
CA ALA A 39 7.10 10.34 -6.52
C ALA A 39 7.76 10.91 -7.81
N ASN A 40 9.07 11.09 -7.80
CA ASN A 40 9.79 11.48 -9.01
C ASN A 40 9.81 10.32 -10.01
N GLY A 41 9.72 9.12 -9.46
CA GLY A 41 9.61 7.91 -10.26
C GLY A 41 8.91 6.79 -9.53
N SER A 42 8.20 5.96 -10.26
CA SER A 42 7.55 4.80 -9.64
C SER A 42 7.46 3.60 -10.57
N ALA A 43 7.33 2.41 -9.99
CA ALA A 43 7.04 1.23 -10.71
C ALA A 43 6.16 0.35 -9.80
N TYR A 44 5.29 -0.41 -10.45
CA TYR A 44 4.50 -1.39 -9.79
C TYR A 44 4.91 -2.74 -10.36
N ILE A 45 5.07 -3.74 -9.48
CA ILE A 45 5.38 -5.09 -9.94
C ILE A 45 4.43 -6.14 -9.34
N GLU A 46 3.87 -6.98 -10.20
CA GLU A 46 3.17 -8.21 -9.80
C GLU A 46 4.02 -9.31 -10.32
N TRP A 47 4.61 -10.08 -9.40
CA TRP A 47 5.54 -11.17 -9.66
C TRP A 47 4.99 -12.39 -8.90
N GLY A 48 4.30 -13.29 -9.62
CA GLY A 48 3.50 -14.30 -8.91
C GLY A 48 2.47 -13.63 -8.01
N LYS A 49 2.43 -14.03 -6.74
CA LYS A 49 1.46 -13.38 -5.81
C LYS A 49 1.97 -12.10 -5.13
N ASN A 50 3.19 -11.70 -5.42
CA ASN A 50 3.81 -10.47 -4.96
C ASN A 50 3.21 -9.27 -5.67
N LYS A 51 2.85 -8.23 -4.91
CA LYS A 51 2.40 -6.98 -5.46
C LYS A 51 3.20 -5.96 -4.69
N ILE A 52 4.10 -5.26 -5.38
CA ILE A 52 5.08 -4.27 -4.80
C ILE A 52 5.09 -2.93 -5.59
N ILE A 53 5.06 -1.80 -4.87
CA ILE A 53 5.33 -0.49 -5.45
C ILE A 53 6.71 -0.07 -5.08
N ALA A 54 7.39 0.57 -6.03
CA ALA A 54 8.68 1.29 -5.75
C ALA A 54 8.42 2.77 -6.00
N ALA A 55 8.80 3.64 -5.06
CA ALA A 55 8.77 5.10 -5.26
C ALA A 55 10.18 5.64 -5.12
N VAL A 56 10.56 6.66 -5.90
CA VAL A 56 11.86 7.36 -5.83
C VAL A 56 11.62 8.85 -5.59
N TYR A 57 12.46 9.46 -4.74
CA TYR A 57 12.58 10.93 -4.50
C TYR A 57 14.07 11.16 -4.31
N GLY A 58 14.76 12.10 -4.94
CA GLY A 58 14.37 13.01 -5.95
C GLY A 58 15.41 12.77 -7.01
N PRO A 59 16.65 13.33 -6.91
CA PRO A 59 17.54 13.92 -5.92
C PRO A 59 16.98 15.11 -5.21
N ARG A 60 16.92 15.05 -3.88
CA ARG A 60 16.25 16.05 -3.09
C ARG A 60 17.16 16.55 -1.98
N GLU A 61 16.70 17.58 -1.28
CA GLU A 61 17.52 18.23 -0.26
C GLU A 61 17.73 17.28 0.92
N LEU A 62 19.00 17.01 1.22
CA LEU A 62 19.37 16.15 2.34
C LEU A 62 19.47 17.03 3.58
N HIS A 63 18.87 16.56 4.68
CA HIS A 63 18.90 17.27 5.96
C HIS A 63 19.43 16.40 7.13
N PRO A 64 20.34 16.99 7.96
CA PRO A 64 21.04 18.26 7.71
C PRO A 64 22.42 18.08 7.02
N LYS A 65 23.20 19.17 6.91
CA LYS A 65 24.53 19.13 6.27
C LYS A 65 25.36 17.97 6.88
N HIS A 66 25.10 17.68 8.15
CA HIS A 66 25.74 16.55 8.84
C HIS A 66 25.58 15.32 7.99
N LEU A 67 24.36 15.08 7.49
CA LEU A 67 24.06 13.88 6.70
C LEU A 67 24.54 14.00 5.24
N GLN A 68 24.62 15.25 4.77
CA GLN A 68 25.19 15.62 3.45
C GLN A 68 26.59 15.07 3.21
N ARG A 69 26.79 14.54 2.02
CA ARG A 69 28.07 14.08 1.51
C ARG A 69 28.58 15.19 0.55
N PRO A 70 29.90 15.55 0.57
CA PRO A 70 30.31 16.67 -0.29
C PRO A 70 30.40 16.38 -1.80
N ASP A 71 30.87 15.20 -2.20
CA ASP A 71 31.10 14.89 -3.63
C ASP A 71 30.01 14.03 -4.30
N ARG A 72 28.90 13.75 -3.61
CA ARG A 72 27.94 12.76 -4.10
C ARG A 72 26.57 12.75 -3.41
N ALA A 73 25.61 12.16 -4.12
CA ALA A 73 24.29 11.86 -3.61
C ALA A 73 24.43 10.64 -2.73
N ILE A 74 23.70 10.60 -1.63
CA ILE A 74 23.55 9.32 -0.93
C ILE A 74 22.25 8.65 -1.35
N LEU A 75 22.28 7.33 -1.35
CA LEU A 75 21.14 6.49 -1.62
C LEU A 75 20.55 6.04 -0.28
N ARG A 76 19.24 6.19 -0.10
CA ARG A 76 18.58 5.73 1.11
C ARG A 76 17.49 4.87 0.57
N VAL A 77 17.48 3.59 0.98
CA VAL A 77 16.41 2.64 0.70
C VAL A 77 15.59 2.20 1.97
N ARG A 78 14.28 2.22 1.89
CA ARG A 78 13.45 1.62 2.91
C ARG A 78 12.50 0.61 2.26
N TYR A 79 12.69 -0.64 2.60
CA TYR A 79 11.83 -1.78 2.22
C TYR A 79 10.87 -1.99 3.39
N ASN A 80 9.60 -2.13 3.05
CA ASN A 80 8.61 -2.31 4.10
C ASN A 80 7.45 -3.15 3.57
N MET A 81 6.87 -3.95 4.46
CA MET A 81 5.72 -4.81 4.20
C MET A 81 4.53 -4.27 4.93
N ALA A 82 3.50 -3.95 4.15
CA ALA A 82 2.20 -3.68 4.69
C ALA A 82 1.72 -4.83 5.62
N PRO A 83 0.97 -4.49 6.69
CA PRO A 83 0.47 -5.49 7.61
C PRO A 83 -0.38 -6.56 6.94
N PHE A 84 -1.04 -6.21 5.85
CA PHE A 84 -1.96 -7.09 5.17
C PHE A 84 -1.28 -7.91 4.06
N SER A 85 0.04 -7.84 3.97
CA SER A 85 0.75 -8.37 2.85
C SER A 85 1.14 -9.84 3.05
N VAL A 86 0.99 -10.27 4.27
CA VAL A 86 1.50 -11.55 4.73
C VAL A 86 0.31 -12.33 5.30
N GLU A 87 0.43 -13.66 5.37
CA GLU A 87 -0.74 -14.48 5.71
C GLU A 87 -1.16 -14.16 7.14
N GLU A 88 -0.18 -14.08 8.03
CA GLU A 88 -0.45 -13.64 9.40
C GLU A 88 -0.05 -12.17 9.59
N ARG A 89 -1.04 -11.35 9.95
CA ARG A 89 -0.87 -9.92 9.94
C ARG A 89 0.41 -9.52 10.65
N LYS A 90 1.14 -8.61 10.01
CA LYS A 90 2.44 -8.08 10.47
C LYS A 90 2.20 -6.72 11.21
N LYS A 91 2.66 -6.55 12.43
CA LYS A 91 2.45 -5.27 13.12
C LYS A 91 3.23 -4.29 12.26
N PRO A 92 2.77 -3.05 12.08
CA PRO A 92 3.64 -2.25 11.21
C PRO A 92 4.92 -1.72 11.91
N GLY A 93 5.85 -1.31 11.09
CA GLY A 93 7.16 -0.96 11.61
C GLY A 93 8.21 -1.89 11.05
N PRO A 94 9.39 -1.33 10.66
CA PRO A 94 10.54 -2.19 10.36
C PRO A 94 10.78 -3.23 11.46
N ASP A 95 11.25 -4.37 11.01
CA ASP A 95 11.77 -5.36 11.86
C ASP A 95 13.16 -5.63 11.35
N ARG A 96 13.86 -6.53 12.01
CA ARG A 96 15.21 -6.89 11.68
C ARG A 96 15.31 -7.36 10.27
N ARG A 97 14.40 -8.23 9.84
CA ARG A 97 14.40 -8.65 8.46
C ARG A 97 14.36 -7.45 7.50
N SER A 98 13.32 -6.62 7.56
CA SER A 98 13.19 -5.44 6.71
C SER A 98 14.42 -4.53 6.71
N ILE A 99 15.11 -4.42 7.87
CA ILE A 99 16.23 -3.52 8.02
C ILE A 99 17.32 -4.05 7.11
N GLU A 100 17.50 -5.38 7.17
CA GLU A 100 18.54 -6.08 6.45
C GLU A 100 18.32 -6.03 4.92
N ILE A 101 17.08 -6.24 4.50
CA ILE A 101 16.74 -6.19 3.12
C ILE A 101 16.90 -4.80 2.54
N SER A 102 16.44 -3.79 3.26
CA SER A 102 16.76 -2.39 2.96
C SER A 102 18.28 -2.18 2.65
N LYS A 103 19.13 -2.72 3.51
CA LYS A 103 20.56 -2.53 3.40
C LYS A 103 21.12 -3.11 2.12
N VAL A 104 20.62 -4.29 1.76
CA VAL A 104 21.15 -5.16 0.71
C VAL A 104 20.56 -4.71 -0.64
N ILE A 105 19.36 -4.12 -0.59
CA ILE A 105 18.75 -3.44 -1.71
C ILE A 105 19.53 -2.18 -2.05
N LYS A 106 19.73 -1.32 -1.05
CA LYS A 106 20.73 -0.25 -1.14
C LYS A 106 22.01 -0.70 -1.86
N GLY A 107 22.66 -1.74 -1.33
CA GLY A 107 23.87 -2.25 -1.94
C GLY A 107 23.69 -2.76 -3.37
N ALA A 108 22.48 -3.20 -3.74
CA ALA A 108 22.17 -3.71 -5.07
C ALA A 108 21.99 -2.59 -6.07
N LEU A 109 21.51 -1.44 -5.59
CA LEU A 109 21.18 -0.29 -6.46
C LEU A 109 22.30 0.74 -6.58
N GLU A 110 23.07 0.91 -5.52
CA GLU A 110 24.19 1.85 -5.50
C GLU A 110 25.18 1.78 -6.68
N PRO A 111 25.61 0.56 -7.09
CA PRO A 111 26.63 0.46 -8.14
C PRO A 111 26.12 0.90 -9.49
N ALA A 112 24.81 1.04 -9.60
CA ALA A 112 24.14 1.31 -10.86
C ALA A 112 23.95 2.79 -10.99
N LEU A 113 24.21 3.54 -9.92
CA LEU A 113 23.83 4.94 -9.87
C LEU A 113 25.06 5.76 -9.97
N ILE A 114 24.97 6.89 -10.67
CA ILE A 114 26.09 7.78 -10.76
C ILE A 114 25.86 8.88 -9.76
N LEU A 115 26.24 8.60 -8.52
CA LEU A 115 25.91 9.45 -7.36
C LEU A 115 26.68 10.78 -7.34
N GLU A 116 27.88 10.77 -7.90
CA GLU A 116 28.74 11.93 -7.97
C GLU A 116 28.13 13.05 -8.81
N MET A 117 26.97 12.77 -9.41
CA MET A 117 26.28 13.71 -10.31
C MET A 117 25.34 14.67 -9.61
N PHE A 118 25.00 14.40 -8.35
CA PHE A 118 24.01 15.20 -7.62
C PHE A 118 24.53 15.43 -6.19
N PRO A 119 25.65 16.17 -6.05
CA PRO A 119 26.29 16.04 -4.73
C PRO A 119 25.44 16.73 -3.66
N ARG A 120 25.61 16.30 -2.41
CA ARG A 120 24.97 16.94 -1.27
C ARG A 120 23.50 16.55 -1.19
N THR A 121 23.11 15.61 -2.05
CA THR A 121 21.70 15.20 -2.13
C THR A 121 21.42 13.75 -1.69
N ALA A 122 20.16 13.45 -1.47
CA ALA A 122 19.70 12.09 -1.16
C ALA A 122 18.77 11.62 -2.27
N ILE A 123 18.94 10.37 -2.68
CA ILE A 123 17.95 9.74 -3.51
C ILE A 123 17.31 8.69 -2.60
N ASP A 124 16.02 8.88 -2.33
CA ASP A 124 15.19 8.01 -1.48
C ASP A 124 14.40 6.99 -2.31
N VAL A 125 14.58 5.72 -2.03
CA VAL A 125 13.84 4.65 -2.69
C VAL A 125 12.89 3.96 -1.66
N PHE A 126 11.60 3.94 -1.92
CA PHE A 126 10.69 3.22 -1.06
C PHE A 126 10.12 2.02 -1.75
N ILE A 127 10.34 0.86 -1.15
CA ILE A 127 9.78 -0.39 -1.64
C ILE A 127 8.67 -0.82 -0.66
N GLU A 128 7.43 -0.82 -1.14
CA GLU A 128 6.29 -1.20 -0.28
C GLU A 128 5.74 -2.51 -0.76
N VAL A 129 5.78 -3.52 0.10
CA VAL A 129 5.22 -4.79 -0.26
C VAL A 129 3.79 -4.88 0.22
N LEU A 130 2.90 -4.87 -0.76
CA LEU A 130 1.46 -4.84 -0.54
C LEU A 130 0.90 -6.25 -0.43
N GLN A 131 1.52 -7.19 -1.16
CA GLN A 131 1.31 -8.63 -1.01
C GLN A 131 2.63 -9.36 -1.21
N ALA A 132 2.96 -10.22 -0.28
CA ALA A 132 4.21 -10.91 -0.33
C ALA A 132 3.99 -12.36 -0.64
N ASP A 133 4.96 -12.99 -1.26
CA ASP A 133 4.87 -14.39 -1.58
C ASP A 133 6.16 -15.08 -1.80
N ALA A 134 7.25 -14.52 -1.30
CA ALA A 134 8.56 -14.96 -1.67
C ALA A 134 9.11 -14.29 -2.90
N GLY A 135 10.37 -13.96 -2.88
CA GLY A 135 10.94 -13.08 -3.86
C GLY A 135 10.63 -11.62 -3.80
N THR A 136 10.22 -11.13 -2.65
CA THR A 136 9.93 -9.72 -2.52
C THR A 136 11.19 -8.86 -2.66
N ARG A 137 12.36 -9.35 -2.27
CA ARG A 137 13.53 -8.45 -2.25
C ARG A 137 13.99 -8.28 -3.67
N VAL A 138 14.04 -9.40 -4.42
CA VAL A 138 14.25 -9.38 -5.89
C VAL A 138 13.16 -8.68 -6.73
N ALA A 139 11.88 -8.93 -6.44
CA ALA A 139 10.86 -8.16 -7.12
C ALA A 139 10.97 -6.66 -6.79
N GLY A 140 11.22 -6.35 -5.52
CA GLY A 140 11.56 -4.98 -5.07
C GLY A 140 12.74 -4.29 -5.75
N ILE A 141 13.87 -5.00 -5.93
CA ILE A 141 15.05 -4.45 -6.60
C ILE A 141 14.72 -4.22 -8.09
N THR A 142 14.02 -5.16 -8.69
CA THR A 142 13.57 -5.05 -10.08
C THR A 142 12.68 -3.81 -10.29
N ALA A 143 11.66 -3.64 -9.48
CA ALA A 143 10.83 -2.41 -9.56
C ALA A 143 11.52 -1.11 -9.11
N ALA A 144 12.47 -1.23 -8.16
CA ALA A 144 13.22 -0.05 -7.73
C ALA A 144 14.18 0.52 -8.82
N SER A 145 14.81 -0.31 -9.66
CA SER A 145 15.48 0.19 -10.87
C SER A 145 14.53 0.84 -11.88
N LEU A 146 13.39 0.24 -12.14
CA LEU A 146 12.51 0.88 -13.10
C LEU A 146 12.12 2.26 -12.59
N ALA A 147 11.98 2.39 -11.25
CA ALA A 147 11.48 3.60 -10.61
C ALA A 147 12.54 4.70 -10.63
N LEU A 148 13.80 4.29 -10.52
CA LEU A 148 14.97 5.17 -10.62
C LEU A 148 15.13 5.68 -12.06
N ALA A 149 14.78 4.83 -13.01
CA ALA A 149 14.86 5.09 -14.43
C ALA A 149 13.70 5.98 -14.80
N ASP A 150 12.61 5.78 -14.09
CA ASP A 150 11.41 6.58 -14.20
C ASP A 150 11.67 8.03 -13.71
N ALA A 151 12.49 8.20 -12.67
CA ALA A 151 12.75 9.52 -12.07
C ALA A 151 13.80 10.29 -12.85
N GLY A 152 14.22 9.75 -13.98
CA GLY A 152 15.24 10.36 -14.83
C GLY A 152 16.63 10.30 -14.24
N ILE A 153 16.90 9.30 -13.41
CA ILE A 153 18.20 9.19 -12.77
C ILE A 153 19.20 8.43 -13.67
N PRO A 154 20.41 9.02 -13.88
CA PRO A 154 21.41 8.38 -14.72
C PRO A 154 22.03 7.18 -14.01
N MET A 155 22.14 6.09 -14.78
CA MET A 155 22.42 4.76 -14.28
C MET A 155 23.25 4.04 -15.31
N ARG A 156 24.21 3.27 -14.83
CA ARG A 156 25.14 2.56 -15.67
C ARG A 156 24.44 1.37 -16.33
N ASP A 157 23.32 0.95 -15.73
CA ASP A 157 22.51 -0.16 -16.19
C ASP A 157 21.34 -0.16 -15.24
N LEU A 158 20.32 -0.93 -15.60
CA LEU A 158 19.29 -1.37 -14.70
C LEU A 158 19.77 -2.49 -13.78
N VAL A 159 19.10 -2.66 -12.67
CA VAL A 159 19.47 -3.77 -11.81
C VAL A 159 18.31 -4.77 -11.87
N ALA A 160 18.62 -5.96 -12.34
CA ALA A 160 17.61 -6.97 -12.51
C ALA A 160 17.86 -8.00 -11.42
N ALA A 161 16.79 -8.60 -10.90
CA ALA A 161 17.02 -9.51 -9.80
C ALA A 161 16.08 -10.67 -9.87
N CYS A 162 16.53 -11.82 -9.35
CA CYS A 162 15.74 -13.06 -9.35
C CYS A 162 16.38 -14.00 -8.38
N ALA A 163 15.57 -14.88 -7.77
CA ALA A 163 16.07 -15.88 -6.86
C ALA A 163 15.96 -17.28 -7.46
N ALA A 164 16.97 -18.10 -7.17
CA ALA A 164 16.94 -19.55 -7.32
C ALA A 164 16.95 -20.23 -5.94
N GLY A 165 16.65 -21.52 -5.93
CA GLY A 165 16.68 -22.32 -4.72
C GLY A 165 16.90 -23.78 -4.97
N LYS A 166 16.92 -24.54 -3.89
CA LYS A 166 16.98 -25.96 -3.90
C LYS A 166 15.78 -26.44 -3.12
N ILE A 167 14.93 -27.18 -3.80
CA ILE A 167 13.83 -27.87 -3.17
C ILE A 167 13.84 -29.34 -3.58
N GLU A 168 13.59 -30.20 -2.59
CA GLU A 168 13.69 -31.66 -2.70
C GLU A 168 14.86 -32.17 -3.52
N GLY A 169 16.04 -31.66 -3.21
CA GLY A 169 17.28 -32.02 -3.90
C GLY A 169 17.64 -31.17 -5.10
N GLU A 170 16.65 -30.53 -5.72
CA GLU A 170 16.83 -29.96 -7.04
C GLU A 170 17.06 -28.46 -7.02
N ILE A 171 17.96 -27.98 -7.88
CA ILE A 171 18.13 -26.54 -8.05
C ILE A 171 17.00 -26.09 -8.96
N VAL A 172 16.24 -25.09 -8.52
CA VAL A 172 15.05 -24.59 -9.21
C VAL A 172 15.06 -23.05 -9.28
N LEU A 173 14.32 -22.52 -10.26
CA LEU A 173 14.19 -21.06 -10.42
C LEU A 173 12.98 -20.45 -9.69
N ASP A 174 13.22 -19.38 -8.91
CA ASP A 174 12.17 -18.43 -8.45
C ASP A 174 11.14 -19.14 -7.55
N LEU A 175 11.55 -19.38 -6.32
CA LEU A 175 10.72 -20.00 -5.27
C LEU A 175 9.42 -19.25 -5.04
N ASN A 176 8.34 -19.97 -4.77
CA ASN A 176 7.17 -19.32 -4.13
C ASN A 176 7.26 -19.40 -2.58
N LYS A 177 6.22 -18.96 -1.88
CA LYS A 177 6.24 -19.01 -0.41
C LYS A 177 6.53 -20.45 0.07
N GLU A 178 5.74 -21.42 -0.40
CA GLU A 178 5.82 -22.82 0.03
C GLU A 178 7.21 -23.41 -0.17
N GLU A 179 7.77 -23.24 -1.36
CA GLU A 179 9.10 -23.77 -1.68
C GLU A 179 10.16 -23.03 -0.87
N ASP A 180 9.99 -21.74 -0.69
CA ASP A 180 10.94 -21.08 0.17
C ASP A 180 10.80 -21.58 1.60
N ASN A 181 9.57 -21.60 2.10
CA ASN A 181 9.40 -22.01 3.45
C ASN A 181 10.01 -23.37 3.67
N TYR A 182 9.65 -24.30 2.81
CA TYR A 182 9.96 -25.70 3.01
C TYR A 182 11.15 -26.24 2.22
N GLY A 183 11.74 -25.40 1.38
CA GLY A 183 12.89 -25.81 0.60
C GLY A 183 14.17 -25.89 1.40
N GLU A 184 15.29 -26.03 0.69
CA GLU A 184 16.59 -26.20 1.33
C GLU A 184 17.54 -25.01 1.23
N ALA A 185 17.26 -24.08 0.32
CA ALA A 185 18.13 -22.95 0.05
C ALA A 185 17.34 -21.96 -0.75
N ASP A 186 17.63 -20.70 -0.49
CA ASP A 186 17.10 -19.59 -1.22
C ASP A 186 18.32 -18.71 -1.55
N VAL A 187 18.55 -18.47 -2.83
CA VAL A 187 19.73 -17.72 -3.30
C VAL A 187 19.23 -16.53 -4.11
N PRO A 188 18.95 -15.38 -3.46
CA PRO A 188 18.64 -14.24 -4.33
C PRO A 188 19.87 -13.67 -5.01
N VAL A 189 19.75 -13.31 -6.28
CA VAL A 189 20.84 -12.60 -6.96
C VAL A 189 20.28 -11.32 -7.60
N ALA A 190 21.09 -10.25 -7.63
CA ALA A 190 20.76 -9.04 -8.41
C ALA A 190 21.94 -8.73 -9.27
N ILE A 191 21.70 -8.38 -10.53
CA ILE A 191 22.78 -8.05 -11.44
C ILE A 191 22.52 -6.84 -12.30
N MET A 192 23.60 -6.25 -12.77
CA MET A 192 23.57 -5.28 -13.84
C MET A 192 23.97 -6.11 -15.03
N PRO A 193 22.97 -6.48 -15.87
CA PRO A 193 23.08 -7.50 -16.93
C PRO A 193 24.17 -7.24 -17.99
N LEU A 194 24.20 -6.02 -18.52
CA LEU A 194 25.08 -5.68 -19.61
C LEU A 194 26.51 -6.11 -19.34
N LYS A 195 26.98 -5.98 -18.09
CA LYS A 195 28.36 -6.33 -17.79
C LYS A 195 28.49 -7.49 -16.82
N ASN A 196 27.37 -8.14 -16.50
CA ASN A 196 27.42 -9.31 -15.61
C ASN A 196 28.00 -9.09 -14.21
N ASP A 197 27.61 -7.94 -13.61
CA ASP A 197 28.08 -7.54 -12.31
C ASP A 197 27.00 -7.82 -11.29
N ILE A 198 27.32 -8.69 -10.33
CA ILE A 198 26.42 -9.11 -9.29
C ILE A 198 26.43 -8.12 -8.17
N THR A 199 25.28 -7.49 -7.95
CA THR A 199 25.16 -6.43 -6.97
C THR A 199 24.41 -6.85 -5.71
N LEU A 200 23.78 -8.02 -5.79
CA LEU A 200 23.20 -8.70 -4.66
C LEU A 200 23.49 -10.20 -4.71
N LEU A 201 23.95 -10.76 -3.61
CA LEU A 201 24.09 -12.19 -3.57
C LEU A 201 23.93 -12.64 -2.16
N GLN A 202 22.89 -13.42 -1.88
CA GLN A 202 22.68 -14.01 -0.57
C GLN A 202 22.27 -15.46 -0.74
N MET A 203 22.59 -16.26 0.25
CA MET A 203 22.22 -17.63 0.32
C MET A 203 21.81 -17.86 1.79
N ASP A 204 20.68 -18.51 1.91
CA ASP A 204 20.06 -18.82 3.17
C ASP A 204 19.81 -20.29 2.97
N GLY A 205 20.33 -21.15 3.81
CA GLY A 205 20.10 -22.57 3.63
C GLY A 205 21.38 -23.38 3.68
N TYR A 206 21.41 -24.46 2.93
CA TYR A 206 22.51 -25.41 3.03
C TYR A 206 22.84 -26.07 1.69
N LEU A 207 23.98 -25.72 1.12
CA LEU A 207 24.29 -26.08 -0.24
C LEU A 207 25.72 -26.55 -0.35
N THR A 208 26.00 -27.37 -1.33
CA THR A 208 27.38 -27.70 -1.65
C THR A 208 27.85 -26.54 -2.51
N LYS A 209 29.15 -26.50 -2.81
CA LYS A 209 29.71 -25.40 -3.61
C LYS A 209 29.09 -25.40 -5.00
N ASP A 210 29.03 -26.60 -5.61
CA ASP A 210 28.51 -26.83 -6.95
C ASP A 210 27.02 -26.56 -7.08
N GLU A 211 26.30 -26.68 -5.94
CA GLU A 211 24.86 -26.35 -5.84
C GLU A 211 24.64 -24.87 -5.64
N PHE A 212 25.44 -24.26 -4.77
CA PHE A 212 25.49 -22.81 -4.70
C PHE A 212 25.69 -22.17 -6.07
N ILE A 213 26.82 -22.49 -6.72
CA ILE A 213 27.15 -22.01 -8.07
C ILE A 213 26.10 -22.27 -9.20
N GLU A 214 25.55 -23.49 -9.34
CA GLU A 214 24.40 -23.67 -10.26
C GLU A 214 23.21 -22.73 -9.92
N ALA A 215 22.87 -22.60 -8.65
CA ALA A 215 21.83 -21.63 -8.21
C ALA A 215 22.12 -20.18 -8.61
N VAL A 216 23.34 -19.72 -8.35
CA VAL A 216 23.78 -18.38 -8.75
C VAL A 216 23.62 -18.24 -10.25
N LYS A 217 24.11 -19.22 -11.01
CA LYS A 217 23.97 -19.20 -12.46
C LYS A 217 22.50 -19.19 -12.89
N LEU A 218 21.66 -20.04 -12.26
CA LEU A 218 20.23 -20.16 -12.66
C LEU A 218 19.45 -18.86 -12.48
N ALA A 219 19.65 -18.24 -11.31
CA ALA A 219 19.08 -16.93 -10.90
C ALA A 219 19.53 -15.78 -11.79
N ILE A 220 20.80 -15.81 -12.20
CA ILE A 220 21.33 -14.91 -13.22
C ILE A 220 20.59 -15.10 -14.55
N LYS A 221 20.25 -16.32 -14.96
CA LYS A 221 19.39 -16.46 -16.16
C LYS A 221 17.99 -15.87 -16.00
N GLY A 222 17.32 -16.16 -14.89
CA GLY A 222 16.05 -15.52 -14.59
C GLY A 222 16.10 -14.02 -14.39
N ALA A 223 17.20 -13.51 -13.80
CA ALA A 223 17.42 -12.04 -13.70
C ALA A 223 17.54 -11.36 -15.10
N LYS A 224 18.22 -12.03 -16.04
CA LYS A 224 18.33 -11.62 -17.47
C LYS A 224 17.00 -11.63 -18.22
N ALA A 225 16.19 -12.63 -17.91
CA ALA A 225 14.80 -12.66 -18.34
C ALA A 225 14.02 -11.50 -17.79
N VAL A 226 14.18 -11.21 -16.51
CA VAL A 226 13.47 -10.12 -15.87
C VAL A 226 13.96 -8.78 -16.42
N TYR A 227 15.23 -8.75 -16.78
CA TYR A 227 15.84 -7.58 -17.40
C TYR A 227 15.19 -7.18 -18.73
N GLN A 228 14.80 -8.16 -19.54
CA GLN A 228 14.07 -7.92 -20.79
C GLN A 228 12.66 -7.35 -20.57
N LYS A 229 12.07 -7.62 -19.40
CA LYS A 229 10.75 -7.07 -19.02
C LYS A 229 10.91 -5.65 -18.49
N GLN A 230 12.04 -5.39 -17.88
CA GLN A 230 12.32 -4.08 -17.43
C GLN A 230 12.49 -3.13 -18.63
N ARG A 231 13.28 -3.54 -19.63
CA ARG A 231 13.50 -2.76 -20.86
C ARG A 231 12.17 -2.54 -21.57
N GLU A 232 11.38 -3.61 -21.66
CA GLU A 232 10.05 -3.59 -22.27
C GLU A 232 9.08 -2.64 -21.57
N ALA A 233 9.12 -2.63 -20.23
CA ALA A 233 8.34 -1.70 -19.42
C ALA A 233 8.82 -0.26 -19.60
N LEU A 234 10.11 -0.09 -19.85
CA LEU A 234 10.67 1.23 -20.16
C LEU A 234 10.37 1.67 -21.59
N LYS A 235 10.50 0.73 -22.55
CA LYS A 235 10.04 0.94 -23.92
C LYS A 235 8.56 1.34 -23.96
N GLU A 236 7.73 0.67 -23.18
CA GLU A 236 6.31 1.03 -23.02
C GLU A 236 6.12 2.47 -22.52
N LYS A 237 7.03 2.93 -21.66
CA LYS A 237 6.97 4.28 -21.13
C LYS A 237 7.17 5.35 -22.21
N TYR A 238 8.09 5.11 -23.17
CA TYR A 238 8.40 6.07 -24.25
C TYR A 238 7.52 5.92 -25.47
N LEU A 239 6.70 4.87 -25.49
CA LEU A 239 5.64 4.76 -26.46
C LEU A 239 4.43 5.55 -25.97
N LYS A 240 4.42 5.91 -24.70
CA LYS A 240 3.28 6.62 -24.10
C LYS A 240 3.45 8.15 -24.10
N ILE A 241 4.69 8.63 -24.06
CA ILE A 241 5.03 10.05 -24.29
C ILE A 241 5.17 10.38 -25.77
N ALA A 242 5.49 9.37 -26.58
CA ALA A 242 5.38 9.49 -28.04
C ALA A 242 3.89 9.43 -28.42
N GLN A 243 3.05 10.01 -27.57
CA GLN A 243 1.71 10.50 -27.94
C GLN A 243 1.46 11.86 -27.26
N GLU A 244 1.75 12.97 -27.96
CA GLU A 244 2.53 13.00 -29.21
C GLU A 244 3.47 14.21 -29.21
N ALA B 11 5.70 28.55 -3.80
CA ALA B 11 4.24 28.28 -4.06
C ALA B 11 3.18 29.09 -3.21
N GLY B 12 3.56 30.26 -2.66
CA GLY B 12 2.57 31.20 -2.03
C GLY B 12 1.85 32.06 -3.08
N ILE B 13 2.42 31.98 -4.29
CA ILE B 13 1.88 32.46 -5.53
C ILE B 13 0.49 31.84 -5.78
N MET B 14 0.28 30.68 -5.16
CA MET B 14 -0.74 29.75 -5.58
C MET B 14 -1.97 29.94 -4.73
N ARG B 15 -1.81 30.38 -3.48
CA ARG B 15 -2.99 30.88 -2.70
C ARG B 15 -3.72 31.94 -3.47
N ASP B 16 -3.00 32.95 -3.97
CA ASP B 16 -3.62 34.04 -4.72
C ASP B 16 -4.40 33.56 -5.93
N HIS B 17 -3.83 32.61 -6.63
CA HIS B 17 -4.43 32.08 -7.81
C HIS B 17 -5.70 31.29 -7.55
N ILE B 18 -5.60 30.36 -6.63
CA ILE B 18 -6.70 29.57 -6.17
C ILE B 18 -7.81 30.44 -5.55
N ILE B 19 -7.43 31.43 -4.74
CA ILE B 19 -8.39 32.32 -4.12
C ILE B 19 -9.14 33.13 -5.15
N ASN B 20 -8.42 33.75 -6.08
CA ASN B 20 -9.04 34.51 -7.15
C ASN B 20 -9.91 33.66 -8.08
N LEU B 21 -9.50 32.44 -8.36
CA LEU B 21 -10.32 31.56 -9.17
C LEU B 21 -11.64 31.25 -8.48
N LEU B 22 -11.58 30.97 -7.18
CA LEU B 22 -12.77 30.75 -6.33
C LEU B 22 -13.78 31.88 -6.37
N LYS B 23 -13.28 33.10 -6.17
CA LYS B 23 -14.00 34.34 -6.36
C LYS B 23 -14.80 34.37 -7.66
N GLU B 24 -14.23 33.83 -8.74
CA GLU B 24 -14.90 33.70 -10.03
C GLU B 24 -15.66 32.36 -10.17
N GLY B 25 -15.77 31.62 -9.06
CA GLY B 25 -16.65 30.49 -8.98
C GLY B 25 -15.99 29.23 -9.47
N LYS B 26 -14.69 29.31 -9.72
CA LYS B 26 -13.94 28.21 -10.31
C LYS B 26 -12.92 27.60 -9.39
N ARG B 27 -12.58 26.36 -9.72
CA ARG B 27 -11.48 25.68 -9.13
C ARG B 27 -10.42 25.40 -10.20
N ILE B 28 -9.22 25.11 -9.72
CA ILE B 28 -8.02 24.88 -10.54
C ILE B 28 -8.13 23.76 -11.63
N ASP B 29 -8.89 22.70 -11.31
CA ASP B 29 -9.17 21.57 -12.22
C ASP B 29 -10.60 21.60 -12.83
N ASP B 30 -11.24 22.77 -12.77
CA ASP B 30 -12.60 22.99 -13.27
C ASP B 30 -13.77 22.23 -12.60
N ARG B 31 -13.57 21.71 -11.40
CA ARG B 31 -14.65 21.14 -10.58
C ARG B 31 -15.57 22.23 -10.02
N GLY B 32 -16.86 21.91 -9.84
CA GLY B 32 -17.74 22.71 -8.99
C GLY B 32 -17.27 22.64 -7.54
N PHE B 33 -17.75 23.55 -6.69
CA PHE B 33 -17.46 23.48 -5.24
C PHE B 33 -17.98 22.20 -4.58
N GLU B 34 -18.90 21.52 -5.25
CA GLU B 34 -19.46 20.32 -4.65
C GLU B 34 -19.07 19.05 -5.38
N ASP B 35 -18.24 19.17 -6.42
CA ASP B 35 -17.79 17.98 -7.18
C ASP B 35 -16.64 17.26 -6.49
N TYR B 36 -16.62 15.93 -6.58
CA TYR B 36 -15.45 15.12 -6.23
C TYR B 36 -14.63 14.95 -7.48
N ARG B 37 -13.33 14.72 -7.34
CA ARG B 37 -12.54 14.35 -8.50
C ARG B 37 -13.01 12.93 -8.86
N PRO B 38 -12.63 12.45 -10.06
CA PRO B 38 -13.03 11.08 -10.43
C PRO B 38 -12.61 10.04 -9.38
N ILE B 39 -13.55 9.15 -9.09
CA ILE B 39 -13.46 8.14 -8.06
C ILE B 39 -13.26 6.77 -8.68
N GLU B 40 -12.32 6.01 -8.14
CA GLU B 40 -12.09 4.63 -8.55
C GLU B 40 -12.08 3.86 -7.28
N ILE B 41 -13.01 2.91 -7.18
CA ILE B 41 -13.05 1.98 -6.06
C ILE B 41 -12.88 0.59 -6.60
N GLU B 42 -11.96 -0.14 -5.99
CA GLU B 42 -11.77 -1.52 -6.31
C GLU B 42 -11.41 -2.38 -5.08
N VAL B 43 -12.24 -3.38 -4.86
CA VAL B 43 -12.27 -4.16 -3.66
C VAL B 43 -11.66 -5.53 -4.03
N GLY B 44 -11.10 -6.25 -3.07
CA GLY B 44 -10.67 -7.62 -3.34
C GLY B 44 -9.30 -7.70 -3.94
N VAL B 45 -8.55 -6.60 -3.87
CA VAL B 45 -7.29 -6.45 -4.61
C VAL B 45 -6.08 -7.13 -3.97
N ILE B 46 -6.13 -7.35 -2.64
CA ILE B 46 -5.10 -8.11 -1.90
C ILE B 46 -5.75 -9.43 -1.49
N GLU B 47 -5.57 -10.44 -2.33
CA GLU B 47 -6.27 -11.73 -2.18
C GLU B 47 -5.98 -12.39 -0.86
N LYS B 48 -4.73 -12.29 -0.42
CA LYS B 48 -4.30 -12.84 0.83
C LYS B 48 -4.91 -12.15 2.01
N ALA B 49 -5.40 -10.92 1.85
CA ALA B 49 -6.11 -10.25 2.96
C ALA B 49 -7.50 -10.82 3.07
N GLU B 50 -8.16 -10.59 4.19
CA GLU B 50 -9.55 -11.05 4.34
C GLU B 50 -10.45 -10.11 3.53
N GLY B 51 -10.03 -8.86 3.46
CA GLY B 51 -10.77 -7.83 2.77
C GLY B 51 -9.77 -6.80 2.32
N SER B 52 -10.10 -6.06 1.25
CA SER B 52 -9.26 -4.98 0.79
C SER B 52 -9.97 -4.03 -0.13
N ALA B 53 -9.49 -2.80 -0.23
CA ALA B 53 -10.01 -1.90 -1.20
C ALA B 53 -8.90 -0.91 -1.61
N LEU B 54 -8.80 -0.71 -2.92
CA LEU B 54 -8.01 0.39 -3.50
C LEU B 54 -8.96 1.53 -3.92
N VAL B 55 -8.70 2.73 -3.39
CA VAL B 55 -9.53 3.90 -3.64
C VAL B 55 -8.69 5.03 -4.19
N LYS B 56 -9.16 5.60 -5.30
CA LYS B 56 -8.56 6.78 -5.91
C LYS B 56 -9.58 7.90 -5.87
N LEU B 57 -9.21 8.99 -5.21
CA LEU B 57 -9.89 10.26 -5.28
C LEU B 57 -8.94 11.05 -6.14
N GLY B 58 -9.26 11.21 -7.41
CA GLY B 58 -8.32 11.80 -8.31
C GLY B 58 -7.01 11.02 -8.26
N SER B 59 -5.90 11.74 -8.11
CA SER B 59 -4.59 11.12 -7.95
C SER B 59 -4.28 10.66 -6.49
N THR B 60 -5.10 11.02 -5.53
CA THR B 60 -5.01 10.41 -4.19
C THR B 60 -5.34 8.92 -4.23
N GLN B 61 -4.42 8.11 -3.73
CA GLN B 61 -4.59 6.65 -3.77
C GLN B 61 -4.43 6.05 -2.38
N VAL B 62 -5.41 5.30 -1.91
CA VAL B 62 -5.18 4.61 -0.65
C VAL B 62 -5.62 3.13 -0.70
N LEU B 63 -4.81 2.25 -0.16
CA LEU B 63 -5.11 0.83 -0.03
C LEU B 63 -5.41 0.41 1.44
N VAL B 64 -6.56 -0.18 1.66
CA VAL B 64 -6.91 -0.76 2.96
C VAL B 64 -6.95 -2.24 2.87
N GLY B 65 -6.41 -2.85 3.91
CA GLY B 65 -6.44 -4.29 4.01
C GLY B 65 -7.26 -4.56 5.24
N ILE B 66 -8.13 -5.58 5.16
CA ILE B 66 -8.73 -6.19 6.38
C ILE B 66 -8.06 -7.52 6.69
N LYS B 67 -7.53 -7.66 7.89
CA LYS B 67 -6.99 -8.92 8.45
C LYS B 67 -7.72 -9.23 9.78
N THR B 68 -8.12 -10.47 9.98
CA THR B 68 -8.86 -10.92 11.15
C THR B 68 -8.13 -12.09 11.76
N SER B 69 -8.23 -12.19 13.08
CA SER B 69 -7.77 -13.33 13.80
C SER B 69 -8.76 -13.50 14.96
N LEU B 70 -8.50 -14.50 15.81
CA LEU B 70 -9.34 -14.70 16.97
C LEU B 70 -8.54 -14.33 18.17
N GLY B 71 -9.16 -13.65 19.11
CA GLY B 71 -8.44 -13.33 20.33
C GLY B 71 -9.36 -13.03 21.47
N GLU B 72 -8.77 -12.54 22.55
CA GLU B 72 -9.48 -12.20 23.78
C GLU B 72 -10.21 -10.87 23.61
N PRO B 73 -11.44 -10.75 24.14
CA PRO B 73 -11.99 -9.42 24.03
C PRO B 73 -11.38 -8.51 25.13
N PHE B 74 -11.74 -7.24 25.14
CA PHE B 74 -11.30 -6.37 26.19
C PHE B 74 -12.12 -6.70 27.44
N PRO B 75 -11.44 -6.74 28.61
CA PRO B 75 -12.00 -7.04 29.92
C PRO B 75 -13.42 -6.52 30.15
N ASP B 76 -13.61 -5.27 29.77
CA ASP B 76 -14.79 -4.47 30.05
C ASP B 76 -15.92 -4.78 29.05
N THR B 77 -15.53 -5.26 27.86
CA THR B 77 -16.47 -5.65 26.82
C THR B 77 -16.27 -7.11 26.43
N PRO B 78 -16.73 -8.07 27.27
CA PRO B 78 -16.51 -9.47 26.91
C PRO B 78 -17.52 -9.93 25.86
N ASN B 79 -18.46 -9.00 25.63
N ASN B 79 -18.54 -9.14 25.57
CA ASN B 79 -19.62 -9.07 24.76
CA ASN B 79 -19.46 -9.56 24.52
C ASN B 79 -19.35 -8.74 23.30
C ASN B 79 -19.37 -8.72 23.27
N MET B 80 -18.15 -8.21 23.04
CA MET B 80 -17.84 -7.54 21.81
C MET B 80 -16.54 -8.03 21.23
N GLY B 81 -16.55 -8.10 19.90
CA GLY B 81 -15.40 -8.35 19.08
C GLY B 81 -14.53 -7.12 19.02
N VAL B 82 -13.34 -7.25 18.42
CA VAL B 82 -12.33 -6.15 18.49
C VAL B 82 -12.13 -5.54 17.12
N MET B 83 -12.13 -4.20 17.07
CA MET B 83 -11.83 -3.46 15.86
C MET B 83 -10.72 -2.43 16.07
N THR B 84 -9.73 -2.45 15.19
CA THR B 84 -8.54 -1.60 15.37
C THR B 84 -8.08 -1.03 14.02
N THR B 85 -7.88 0.30 13.96
CA THR B 85 -7.61 1.10 12.73
C THR B 85 -6.26 1.82 12.84
N ASN B 86 -5.45 1.57 11.84
CA ASN B 86 -4.14 2.13 11.73
C ASN B 86 -3.99 2.65 10.34
N VAL B 87 -3.45 3.87 10.27
CA VAL B 87 -3.10 4.56 9.05
C VAL B 87 -1.56 4.63 8.95
N GLU B 88 -1.00 4.06 7.89
CA GLU B 88 0.40 4.36 7.48
C GLU B 88 0.52 5.39 6.39
N LEU B 89 0.97 6.57 6.76
CA LEU B 89 1.35 7.61 5.80
C LEU B 89 2.73 7.30 5.26
N VAL B 90 2.83 6.46 4.22
CA VAL B 90 4.16 5.96 3.79
C VAL B 90 4.96 7.06 3.14
N PRO B 91 6.25 7.16 3.48
CA PRO B 91 7.13 8.11 2.83
C PRO B 91 6.97 8.16 1.28
N LEU B 92 6.36 7.13 0.68
CA LEU B 92 6.31 7.00 -0.80
C LEU B 92 5.15 7.79 -1.37
N ALA B 93 4.14 7.92 -0.52
CA ALA B 93 2.93 8.68 -0.73
C ALA B 93 3.12 10.19 -0.93
N SER B 94 4.17 10.73 -0.24
CA SER B 94 4.39 12.18 -0.14
C SER B 94 5.78 12.49 0.30
N PRO B 95 6.30 13.65 -0.15
CA PRO B 95 7.54 14.16 0.50
C PRO B 95 7.32 14.68 1.95
N THR B 96 6.06 14.97 2.34
CA THR B 96 5.76 15.44 3.70
C THR B 96 5.64 14.26 4.70
N PHE B 97 5.68 13.03 4.16
CA PHE B 97 5.58 11.80 5.00
C PHE B 97 6.98 11.36 5.29
N GLU B 98 7.21 10.92 6.52
CA GLU B 98 8.57 10.61 6.92
C GLU B 98 8.64 9.16 7.42
N PRO B 99 9.82 8.50 7.32
CA PRO B 99 9.86 7.23 8.05
C PRO B 99 9.61 7.42 9.60
N GLY B 100 8.82 6.50 10.20
CA GLY B 100 8.66 6.34 11.68
C GLY B 100 7.21 6.09 12.14
N PRO B 101 6.97 6.08 13.49
CA PRO B 101 5.62 5.82 14.09
C PRO B 101 4.58 6.85 13.64
N PRO B 102 3.23 6.53 13.68
CA PRO B 102 2.28 7.51 13.13
C PRO B 102 2.57 8.92 13.62
N ASP B 103 2.47 9.93 12.76
CA ASP B 103 2.58 11.23 13.34
C ASP B 103 1.14 11.53 13.71
N GLU B 104 0.87 12.75 14.14
CA GLU B 104 -0.48 13.13 14.53
C GLU B 104 -1.41 13.12 13.34
N ARG B 105 -0.89 13.29 12.12
CA ARG B 105 -1.76 13.25 10.96
C ARG B 105 -2.26 11.84 10.81
N ALA B 106 -1.37 10.87 11.00
CA ALA B 106 -1.72 9.48 10.74
C ALA B 106 -2.65 9.09 11.85
N ILE B 107 -2.39 9.56 13.07
CA ILE B 107 -3.21 9.24 14.22
C ILE B 107 -4.62 9.83 14.06
N GLU B 108 -4.72 11.09 13.69
CA GLU B 108 -6.02 11.72 13.62
C GLU B 108 -6.86 11.13 12.51
N LEU B 109 -6.26 10.83 11.35
CA LEU B 109 -7.03 10.16 10.29
C LEU B 109 -7.52 8.81 10.75
N ALA B 110 -6.62 8.01 11.36
CA ALA B 110 -7.00 6.69 11.85
C ALA B 110 -8.20 6.74 12.80
N ARG B 111 -8.14 7.69 13.74
CA ARG B 111 -9.07 7.82 14.82
C ARG B 111 -10.44 8.28 14.39
N VAL B 112 -10.49 9.28 13.52
CA VAL B 112 -11.70 9.74 12.83
C VAL B 112 -12.33 8.67 11.96
N ILE B 113 -11.57 7.96 11.14
CA ILE B 113 -12.16 6.87 10.34
C ILE B 113 -12.69 5.74 11.19
N ASP B 114 -12.00 5.37 12.25
CA ASP B 114 -12.47 4.33 13.15
C ASP B 114 -13.81 4.71 13.80
N ARG B 115 -13.88 6.00 14.18
CA ARG B 115 -14.94 6.53 14.98
C ARG B 115 -16.23 6.54 14.19
N GLY B 116 -16.19 7.12 12.98
CA GLY B 116 -17.33 7.04 12.08
C GLY B 116 -17.84 5.60 11.90
N ILE B 117 -16.91 4.62 11.80
CA ILE B 117 -17.36 3.24 11.68
C ILE B 117 -17.93 2.71 13.01
N ARG B 118 -17.15 2.86 14.07
CA ARG B 118 -17.50 2.31 15.36
C ARG B 118 -18.75 2.88 15.94
N GLU B 119 -18.97 4.15 15.70
CA GLU B 119 -19.97 4.87 16.43
C GLU B 119 -21.30 4.71 15.73
N SER B 120 -21.25 4.34 14.44
CA SER B 120 -22.42 3.95 13.66
C SER B 120 -22.73 2.45 13.84
N LYS B 121 -21.79 1.72 14.47
CA LYS B 121 -21.81 0.25 14.61
C LYS B 121 -21.88 -0.35 13.20
N ALA B 122 -21.14 0.26 12.29
CA ALA B 122 -21.13 -0.16 10.90
C ALA B 122 -20.53 -1.53 10.85
N LEU B 123 -19.55 -1.80 11.73
CA LEU B 123 -19.05 -3.15 11.97
C LEU B 123 -19.62 -3.58 13.28
N ASN B 124 -20.58 -4.49 13.24
CA ASN B 124 -21.27 -4.83 14.48
C ASN B 124 -20.47 -5.76 15.36
N LEU B 125 -19.86 -5.22 16.41
CA LEU B 125 -18.88 -5.94 17.18
C LEU B 125 -19.49 -7.00 18.03
N GLU B 126 -20.78 -6.85 18.29
CA GLU B 126 -21.52 -7.85 19.08
C GLU B 126 -21.76 -9.16 18.34
N LYS B 127 -21.66 -9.12 17.03
CA LYS B 127 -21.93 -10.27 16.18
C LYS B 127 -20.60 -10.92 15.77
N MET B 128 -19.59 -10.71 16.62
CA MET B 128 -18.22 -11.11 16.38
C MET B 128 -17.71 -11.86 17.56
N VAL B 129 -18.61 -12.27 18.46
CA VAL B 129 -18.23 -13.07 19.62
C VAL B 129 -18.24 -14.54 19.25
N ILE B 130 -17.25 -15.30 19.72
CA ILE B 130 -17.27 -16.75 19.53
C ILE B 130 -17.68 -17.44 20.83
N VAL B 131 -17.00 -17.02 21.91
CA VAL B 131 -17.26 -17.41 23.29
C VAL B 131 -17.13 -16.13 24.11
N PRO B 132 -18.24 -15.68 24.77
CA PRO B 132 -18.29 -14.39 25.49
C PRO B 132 -17.21 -14.30 26.56
N GLY B 133 -16.47 -13.20 26.60
CA GLY B 133 -15.38 -13.05 27.60
C GLY B 133 -14.03 -13.70 27.31
N LYS B 134 -13.95 -14.52 26.26
CA LYS B 134 -12.79 -15.37 25.97
C LYS B 134 -12.29 -15.33 24.50
N ILE B 135 -13.20 -15.51 23.52
CA ILE B 135 -12.79 -15.69 22.11
C ILE B 135 -13.65 -14.84 21.23
N VAL B 136 -13.06 -13.84 20.62
CA VAL B 136 -13.83 -12.94 19.81
C VAL B 136 -13.04 -12.77 18.52
N ARG B 137 -13.70 -12.30 17.49
CA ARG B 137 -12.99 -11.94 16.33
C ARG B 137 -12.38 -10.54 16.50
N VAL B 138 -11.14 -10.42 16.01
CA VAL B 138 -10.32 -9.19 16.08
C VAL B 138 -10.11 -8.70 14.64
N VAL B 139 -10.66 -7.53 14.32
CA VAL B 139 -10.59 -6.95 12.99
C VAL B 139 -9.51 -5.84 12.93
N PHE B 140 -8.47 -6.06 12.13
CA PHE B 140 -7.46 -5.04 11.82
C PHE B 140 -7.81 -4.25 10.53
N ILE B 141 -8.05 -2.94 10.66
CA ILE B 141 -8.27 -2.17 9.45
C ILE B 141 -6.94 -1.47 9.21
N ASP B 142 -6.26 -1.86 8.16
CA ASP B 142 -4.91 -1.37 8.01
C ASP B 142 -4.84 -0.52 6.76
N VAL B 143 -4.72 0.79 6.95
CA VAL B 143 -4.77 1.76 5.87
C VAL B 143 -3.35 2.06 5.33
N HIS B 144 -3.16 1.92 4.04
CA HIS B 144 -1.87 2.15 3.44
C HIS B 144 -1.97 3.25 2.42
N VAL B 145 -1.41 4.42 2.73
CA VAL B 145 -1.64 5.57 1.83
C VAL B 145 -0.55 5.50 0.81
N LEU B 146 -0.94 5.42 -0.45
CA LEU B 146 0.03 5.18 -1.50
C LEU B 146 0.46 6.46 -2.24
N ASP B 147 -0.41 7.44 -2.26
CA ASP B 147 -0.17 8.68 -2.96
C ASP B 147 -1.07 9.69 -2.30
N HIS B 148 -0.47 10.76 -1.81
CA HIS B 148 -1.25 11.82 -1.18
C HIS B 148 -1.36 12.98 -2.19
N ASP B 149 -2.57 13.15 -2.69
CA ASP B 149 -2.90 14.32 -3.52
C ASP B 149 -4.17 15.03 -3.00
N GLY B 150 -4.44 15.00 -1.70
CA GLY B 150 -5.55 15.73 -1.10
C GLY B 150 -6.58 14.77 -0.59
N ASN B 151 -7.24 15.17 0.48
CA ASN B 151 -8.37 14.46 0.98
C ASN B 151 -8.15 12.93 1.25
N LEU B 152 -7.16 12.67 2.09
CA LEU B 152 -6.92 11.36 2.68
C LEU B 152 -8.08 10.91 3.56
N MET B 153 -8.69 11.85 4.27
CA MET B 153 -9.80 11.53 5.18
C MET B 153 -10.89 10.79 4.46
N ASP B 154 -11.34 11.34 3.34
CA ASP B 154 -12.42 10.66 2.61
C ASP B 154 -11.98 9.42 1.97
N ALA B 155 -10.82 9.47 1.31
CA ALA B 155 -10.31 8.35 0.56
C ALA B 155 -10.13 7.13 1.46
N ILE B 156 -9.61 7.40 2.69
CA ILE B 156 -9.41 6.44 3.79
C ILE B 156 -10.71 5.82 4.30
N GLY B 157 -11.70 6.65 4.58
CA GLY B 157 -12.96 6.17 5.02
C GLY B 157 -13.75 5.37 4.02
N ILE B 158 -13.73 5.83 2.75
CA ILE B 158 -14.20 5.08 1.62
C ILE B 158 -13.56 3.70 1.46
N ALA B 159 -12.22 3.67 1.43
CA ALA B 159 -11.47 2.41 1.26
C ALA B 159 -11.74 1.43 2.37
N ALA B 160 -11.87 1.94 3.60
CA ALA B 160 -12.08 1.16 4.81
C ALA B 160 -13.45 0.49 4.85
N ILE B 161 -14.52 1.24 4.61
CA ILE B 161 -15.83 0.65 4.60
C ILE B 161 -15.98 -0.26 3.39
N ALA B 162 -15.52 0.18 2.22
CA ALA B 162 -15.47 -0.70 1.04
C ALA B 162 -14.76 -2.04 1.31
N ALA B 163 -13.67 -1.99 2.10
CA ALA B 163 -12.87 -3.17 2.45
C ALA B 163 -13.51 -4.04 3.53
N LEU B 164 -14.22 -3.44 4.48
CA LEU B 164 -15.07 -4.25 5.40
C LEU B 164 -16.16 -5.05 4.69
N LEU B 165 -16.82 -4.43 3.72
CA LEU B 165 -17.89 -5.05 2.98
C LEU B 165 -17.35 -6.14 2.06
N ASN B 166 -16.15 -5.94 1.53
CA ASN B 166 -15.41 -6.95 0.79
C ASN B 166 -14.97 -8.16 1.64
N ALA B 167 -14.87 -7.97 2.94
CA ALA B 167 -14.21 -8.98 3.75
C ALA B 167 -14.99 -10.26 3.82
N ARG B 168 -14.26 -11.37 3.67
CA ARG B 168 -14.78 -12.70 3.95
C ARG B 168 -13.83 -13.40 4.92
N VAL B 169 -14.39 -13.73 6.09
CA VAL B 169 -13.63 -14.24 7.16
C VAL B 169 -14.04 -15.69 7.34
N PRO B 170 -13.15 -16.52 7.91
CA PRO B 170 -13.50 -17.93 8.00
C PRO B 170 -14.59 -18.16 9.03
N LYS B 171 -15.53 -19.06 8.69
CA LYS B 171 -16.53 -19.47 9.66
C LYS B 171 -15.83 -20.13 10.83
N VAL B 172 -16.25 -19.78 12.03
CA VAL B 172 -15.68 -20.37 13.23
C VAL B 172 -16.80 -21.06 13.97
N ARG B 173 -16.47 -22.19 14.59
CA ARG B 173 -17.42 -23.02 15.29
C ARG B 173 -16.90 -23.26 16.69
N TYR B 174 -17.73 -23.02 17.69
CA TYR B 174 -17.38 -23.49 19.01
C TYR B 174 -18.01 -24.85 19.24
N ASN B 175 -17.16 -25.88 19.34
CA ASN B 175 -17.52 -27.26 19.70
C ASN B 175 -17.76 -27.38 21.21
N GLU B 176 -18.92 -27.89 21.60
CA GLU B 176 -19.35 -27.87 23.00
C GLU B 176 -18.87 -29.07 23.81
N GLU B 177 -18.63 -30.17 23.11
CA GLU B 177 -18.23 -31.42 23.72
C GLU B 177 -16.77 -31.40 24.04
N THR B 178 -16.06 -30.62 23.24
CA THR B 178 -14.62 -30.56 23.23
C THR B 178 -14.13 -29.24 23.90
N GLY B 179 -15.02 -28.27 24.04
CA GLY B 179 -14.61 -26.96 24.52
C GLY B 179 -13.81 -26.11 23.53
N GLU B 180 -13.40 -26.69 22.40
CA GLU B 180 -12.48 -26.09 21.44
C GLU B 180 -13.20 -25.27 20.35
N VAL B 181 -12.43 -24.48 19.60
CA VAL B 181 -12.97 -23.57 18.61
C VAL B 181 -12.40 -24.00 17.25
N GLU B 182 -13.26 -24.50 16.35
CA GLU B 182 -12.88 -25.03 15.02
C GLU B 182 -12.98 -23.89 14.00
N THR B 183 -11.93 -23.72 13.21
CA THR B 183 -11.94 -22.66 12.21
C THR B 183 -12.22 -23.44 10.94
N LEU B 184 -13.33 -23.10 10.26
CA LEU B 184 -13.75 -23.88 9.10
C LEU B 184 -13.17 -23.25 7.84
N ASP B 185 -13.15 -23.99 6.74
CA ASP B 185 -12.65 -23.43 5.48
C ASP B 185 -13.65 -22.45 4.84
N GLU B 186 -14.93 -22.68 5.13
CA GLU B 186 -16.03 -21.84 4.65
C GLU B 186 -15.92 -20.44 5.20
N THR B 187 -16.11 -19.47 4.33
CA THR B 187 -16.06 -18.08 4.74
C THR B 187 -17.47 -17.46 4.84
N GLU B 188 -17.50 -16.26 5.40
CA GLU B 188 -18.73 -15.49 5.57
C GLU B 188 -18.36 -14.01 5.66
N PRO B 189 -19.32 -13.14 5.37
CA PRO B 189 -19.00 -11.72 5.52
C PRO B 189 -18.88 -11.32 7.01
N LEU B 190 -18.31 -10.15 7.25
CA LEU B 190 -18.31 -9.55 8.60
C LEU B 190 -19.68 -8.93 8.79
N PRO B 191 -20.13 -8.77 10.03
CA PRO B 191 -21.42 -8.15 10.27
C PRO B 191 -21.36 -6.65 10.01
N VAL B 192 -21.35 -6.27 8.73
CA VAL B 192 -21.28 -4.89 8.33
C VAL B 192 -22.73 -4.42 8.04
N GLU B 193 -23.23 -3.50 8.85
CA GLU B 193 -24.63 -3.18 8.87
C GLU B 193 -24.91 -1.76 8.45
N LYS B 194 -23.88 -1.00 8.10
CA LYS B 194 -24.02 0.42 7.69
C LYS B 194 -22.81 0.79 6.85
N ILE B 195 -22.88 1.90 6.14
CA ILE B 195 -21.82 2.31 5.24
C ILE B 195 -21.54 3.75 5.50
N PRO B 196 -20.84 4.06 6.59
CA PRO B 196 -20.49 5.45 6.84
C PRO B 196 -19.39 5.94 5.87
N VAL B 197 -19.56 7.17 5.41
CA VAL B 197 -18.68 7.75 4.43
C VAL B 197 -18.34 9.14 4.91
N PRO B 198 -17.01 9.44 5.00
CA PRO B 198 -16.64 10.82 5.39
C PRO B 198 -16.75 11.75 4.19
N VAL B 199 -17.31 12.92 4.41
CA VAL B 199 -17.30 13.96 3.38
C VAL B 199 -16.61 15.15 4.03
N THR B 200 -15.51 15.55 3.38
CA THR B 200 -14.60 16.57 3.81
C THR B 200 -14.64 17.85 2.96
N PHE B 201 -14.68 18.99 3.63
CA PHE B 201 -14.66 20.27 2.95
C PHE B 201 -13.38 21.05 3.30
N ALA B 202 -12.77 21.72 2.32
CA ALA B 202 -11.75 22.79 2.62
C ALA B 202 -12.39 24.17 2.63
N LYS B 203 -12.23 24.94 3.71
CA LYS B 203 -12.64 26.34 3.66
C LYS B 203 -11.41 27.14 3.24
N ILE B 204 -11.53 27.88 2.12
CA ILE B 204 -10.46 28.69 1.56
C ILE B 204 -11.10 30.06 1.45
N GLY B 205 -10.68 31.00 2.28
CA GLY B 205 -11.32 32.30 2.38
C GLY B 205 -12.68 32.19 3.05
N ASN B 206 -13.73 32.45 2.26
CA ASN B 206 -15.14 32.31 2.71
C ASN B 206 -15.94 31.30 1.90
N ILE B 207 -15.27 30.45 1.14
CA ILE B 207 -15.90 29.45 0.31
C ILE B 207 -15.51 28.07 0.86
N LEU B 208 -16.47 27.15 0.97
CA LEU B 208 -16.13 25.73 1.25
C LEU B 208 -16.15 24.88 -0.02
N VAL B 209 -15.23 23.98 -0.17
CA VAL B 209 -15.06 23.25 -1.41
C VAL B 209 -14.90 21.73 -1.01
N VAL B 210 -15.67 20.84 -1.63
CA VAL B 210 -15.64 19.43 -1.26
C VAL B 210 -14.43 18.76 -1.83
N ASP B 211 -13.88 17.78 -1.13
CA ASP B 211 -12.82 16.97 -1.70
C ASP B 211 -11.63 17.82 -2.11
N PRO B 212 -10.96 18.50 -1.17
CA PRO B 212 -9.91 19.41 -1.69
C PRO B 212 -8.75 18.61 -2.30
N SER B 213 -8.16 19.07 -3.41
CA SER B 213 -6.86 18.48 -3.81
C SER B 213 -5.73 18.96 -2.87
N LEU B 214 -4.52 18.39 -3.06
CA LEU B 214 -3.33 18.85 -2.38
C LEU B 214 -3.13 20.34 -2.47
N ASP B 215 -3.12 20.87 -3.69
CA ASP B 215 -3.00 22.28 -3.96
C ASP B 215 -4.01 23.18 -3.21
N GLU B 216 -5.26 22.73 -3.08
CA GLU B 216 -6.27 23.42 -2.27
C GLU B 216 -5.97 23.25 -0.77
N GLU B 217 -5.47 22.08 -0.34
CA GLU B 217 -5.13 21.92 1.06
C GLU B 217 -3.97 22.81 1.43
N LEU B 218 -3.08 23.12 0.49
CA LEU B 218 -1.91 23.93 0.81
C LEU B 218 -2.28 25.37 1.06
N VAL B 219 -3.43 25.81 0.55
CA VAL B 219 -3.92 27.18 0.76
C VAL B 219 -5.21 27.30 1.60
N MET B 220 -5.88 26.19 1.92
CA MET B 220 -7.12 26.27 2.71
C MET B 220 -6.90 26.88 4.07
N ASP B 221 -7.95 27.43 4.66
CA ASP B 221 -7.79 27.89 6.04
C ASP B 221 -7.95 26.75 7.03
N GLY B 222 -8.74 25.75 6.66
CA GLY B 222 -9.23 24.79 7.61
C GLY B 222 -10.15 23.87 6.83
N LYS B 223 -10.58 22.80 7.48
CA LYS B 223 -11.08 21.63 6.85
C LYS B 223 -12.11 21.09 7.84
N ILE B 224 -13.23 20.58 7.34
CA ILE B 224 -14.18 19.99 8.26
C ILE B 224 -14.68 18.71 7.63
N THR B 225 -14.68 17.62 8.40
CA THR B 225 -15.17 16.31 7.95
C THR B 225 -16.45 15.90 8.68
N ILE B 226 -17.44 15.52 7.89
CA ILE B 226 -18.74 15.02 8.40
C ILE B 226 -18.99 13.65 7.82
N THR B 227 -19.04 12.67 8.70
CA THR B 227 -19.25 11.28 8.33
C THR B 227 -20.69 10.82 8.63
N THR B 228 -21.40 10.40 7.59
CA THR B 228 -22.80 10.13 7.67
C THR B 228 -23.04 8.71 7.18
N ASP B 229 -24.12 8.08 7.63
CA ASP B 229 -24.52 6.81 7.03
C ASP B 229 -25.86 6.90 6.27
N GLU B 230 -26.27 5.78 5.66
CA GLU B 230 -27.50 5.69 4.84
C GLU B 230 -28.79 5.86 5.61
N THR B 231 -28.74 5.92 6.94
CA THR B 231 -29.96 6.07 7.72
C THR B 231 -30.13 7.54 8.11
N GLY B 232 -29.28 8.40 7.59
CA GLY B 232 -29.40 9.82 7.89
C GLY B 232 -28.89 10.18 9.27
N HIS B 233 -27.91 9.44 9.76
CA HIS B 233 -27.28 9.86 11.01
C HIS B 233 -25.84 10.25 10.76
N ILE B 234 -25.31 11.02 11.70
CA ILE B 234 -23.91 11.41 11.68
C ILE B 234 -23.20 10.60 12.76
N SER B 235 -22.08 9.98 12.40
CA SER B 235 -21.31 9.19 13.36
C SER B 235 -19.91 9.76 13.61
N ALA B 236 -19.54 10.86 12.95
CA ALA B 236 -18.32 11.67 13.26
C ALA B 236 -18.29 12.97 12.52
N VAL B 237 -17.91 14.01 13.27
CA VAL B 237 -17.56 15.34 12.79
C VAL B 237 -16.15 15.63 13.36
N GLN B 238 -15.33 16.25 12.53
CA GLN B 238 -13.96 16.65 12.80
C GLN B 238 -13.63 17.88 11.95
N LYS B 239 -13.56 19.01 12.59
CA LYS B 239 -12.90 20.16 12.03
C LYS B 239 -11.42 19.91 12.32
N SER B 240 -10.62 20.07 11.28
CA SER B 240 -9.18 19.83 11.42
C SER B 240 -8.40 20.94 10.77
N GLU B 241 -7.12 20.98 11.10
CA GLU B 241 -6.20 22.11 10.81
C GLU B 241 -6.69 23.36 11.49
N GLY B 242 -6.23 24.50 11.00
CA GLY B 242 -6.54 25.80 11.61
C GLY B 242 -7.82 26.39 11.02
N GLY B 243 -7.93 27.71 11.08
CA GLY B 243 -9.09 28.35 10.53
C GLY B 243 -10.27 28.23 11.47
N ALA B 244 -11.36 28.85 11.07
CA ALA B 244 -12.61 28.87 11.85
C ALA B 244 -13.73 28.71 10.85
N PHE B 245 -14.86 28.16 11.29
CA PHE B 245 -16.08 27.99 10.50
C PHE B 245 -17.20 28.75 11.16
N LYS B 246 -18.19 29.13 10.35
CA LYS B 246 -19.42 29.76 10.81
C LYS B 246 -20.41 28.64 11.02
N LEU B 247 -21.27 28.77 12.02
CA LEU B 247 -22.39 27.81 12.17
C LEU B 247 -23.05 27.36 10.82
N GLU B 248 -23.29 28.32 9.93
CA GLU B 248 -24.07 28.06 8.71
C GLU B 248 -23.24 27.30 7.72
N GLU B 249 -21.93 27.54 7.73
CA GLU B 249 -20.96 26.71 6.97
C GLU B 249 -20.96 25.31 7.50
N VAL B 250 -21.14 25.17 8.81
CA VAL B 250 -21.31 23.85 9.41
C VAL B 250 -22.62 23.19 9.02
N MET B 251 -23.75 23.90 9.18
CA MET B 251 -25.04 23.51 8.62
C MET B 251 -24.96 23.09 7.14
N TYR B 252 -24.34 23.92 6.31
CA TYR B 252 -24.17 23.65 4.88
C TYR B 252 -23.42 22.34 4.62
N ALA B 253 -22.30 22.17 5.31
CA ALA B 253 -21.43 21.01 5.19
C ALA B 253 -22.12 19.66 5.59
N VAL B 254 -22.86 19.71 6.69
CA VAL B 254 -23.65 18.56 7.13
C VAL B 254 -24.64 18.09 6.04
N GLU B 255 -25.44 19.04 5.54
CA GLU B 255 -26.38 18.81 4.45
C GLU B 255 -25.70 18.29 3.19
N THR B 256 -24.64 18.95 2.75
CA THR B 256 -23.97 18.57 1.50
C THR B 256 -23.32 17.19 1.59
N ALA B 257 -22.69 16.92 2.73
CA ALA B 257 -22.13 15.62 3.10
C ALA B 257 -23.07 14.43 2.93
N PHE B 258 -24.32 14.57 3.38
CA PHE B 258 -25.31 13.49 3.19
C PHE B 258 -25.56 13.25 1.73
N LYS B 259 -25.50 14.30 0.95
CA LYS B 259 -25.83 14.11 -0.43
C LYS B 259 -24.60 13.49 -1.17
N LYS B 260 -23.42 14.03 -0.93
CA LYS B 260 -22.19 13.42 -1.46
C LYS B 260 -22.00 11.98 -0.92
N ALA B 261 -22.25 11.76 0.36
CA ALA B 261 -22.21 10.40 0.91
C ALA B 261 -23.09 9.37 0.18
N GLU B 262 -24.34 9.71 -0.14
CA GLU B 262 -25.15 8.80 -0.96
C GLU B 262 -24.62 8.52 -2.37
N GLU B 263 -23.96 9.52 -2.99
CA GLU B 263 -23.43 9.34 -4.36
C GLU B 263 -22.23 8.41 -4.29
N ILE B 264 -21.48 8.55 -3.24
CA ILE B 264 -20.31 7.72 -2.96
C ILE B 264 -20.62 6.30 -2.47
N ARG B 265 -21.48 6.20 -1.46
CA ARG B 265 -22.07 4.92 -1.05
C ARG B 265 -22.49 4.08 -2.24
N LYS B 266 -23.16 4.67 -3.22
CA LYS B 266 -23.58 3.92 -4.44
C LYS B 266 -22.39 3.29 -5.19
N LEU B 267 -21.24 4.01 -5.24
CA LEU B 267 -20.07 3.53 -5.95
C LEU B 267 -19.40 2.46 -5.14
N ILE B 268 -19.37 2.66 -3.82
CA ILE B 268 -18.91 1.67 -2.87
C ILE B 268 -19.67 0.36 -3.12
N LEU B 269 -20.98 0.44 -3.17
CA LEU B 269 -21.80 -0.73 -3.42
C LEU B 269 -21.54 -1.43 -4.77
N GLU B 270 -21.36 -0.68 -5.88
CA GLU B 270 -21.11 -1.31 -7.19
C GLU B 270 -19.81 -2.10 -7.16
N ALA B 271 -18.80 -1.50 -6.54
CA ALA B 271 -17.44 -2.04 -6.53
C ALA B 271 -17.42 -3.30 -5.70
N VAL B 272 -18.16 -3.27 -4.59
CA VAL B 272 -18.43 -4.46 -3.76
C VAL B 272 -19.06 -5.64 -4.53
N GLU B 273 -20.07 -5.36 -5.35
CA GLU B 273 -20.73 -6.37 -6.14
C GLU B 273 -19.94 -6.82 -7.36
N LYS B 274 -19.30 -5.88 -8.05
CA LYS B 274 -18.48 -6.21 -9.20
C LYS B 274 -17.43 -7.26 -8.83
N ALA B 275 -17.05 -7.32 -7.54
CA ALA B 275 -16.01 -8.26 -7.05
C ALA B 275 -16.49 -9.67 -6.59
N LYS B 276 -17.80 -9.89 -6.53
CA LYS B 276 -18.32 -11.23 -6.20
C LYS B 276 -18.71 -12.01 -7.46
N GLN B 277 -18.60 -11.34 -8.61
CA GLN B 277 -18.71 -11.97 -9.91
C GLN B 277 -17.49 -12.85 -10.20
#